data_7PR4
#
_entry.id   7PR4
#
_cell.length_a   35.624
_cell.length_b   36.106
_cell.length_c   82.898
_cell.angle_alpha   90.000
_cell.angle_beta   90.000
_cell.angle_gamma   90.000
#
_symmetry.space_group_name_H-M   'P 21 21 21'
#
loop_
_entity.id
_entity.type
_entity.pdbx_description
1 polymer 'Cytochrome c iso-1'
2 non-polymer 'HEME C'
3 non-polymer sulfonato-thiacalix[4]arene
4 non-polymer 'ZINC ION'
5 non-polymer 'PHOSPHATE ION'
6 water water
#
_entity_poly.entity_id   1
_entity_poly.type   'polypeptide(L)'
_entity_poly.pdbx_seq_one_letter_code
;AEFKAGSAKKGATLFKTRCLQCHTVEKGGPHKVGPNLHGIFGRHSGQAEGYSYTDANIKKNVLWDENNMSEYLTNPKKYI
PGTKMAFGGLKKEKDRNDLITYLKKATE
;
_entity_poly.pdbx_strand_id   A
#
# COMPACT_ATOMS: atom_id res chain seq x y z
N GLU A 2 -14.39 2.63 0.30
CA GLU A 2 -14.10 3.68 1.27
C GLU A 2 -13.85 3.08 2.66
N PHE A 3 -13.08 3.79 3.49
CA PHE A 3 -12.44 3.21 4.66
C PHE A 3 -13.25 3.47 5.93
N LYS A 4 -13.37 2.42 6.76
CA LYS A 4 -13.83 2.56 8.13
C LYS A 4 -12.84 1.85 9.04
N ALA A 5 -12.68 2.38 10.25
CA ALA A 5 -11.72 1.82 11.19
C ALA A 5 -12.00 0.34 11.44
N GLY A 6 -10.93 -0.46 11.38
CA GLY A 6 -11.00 -1.89 11.58
C GLY A 6 -10.06 -2.35 12.67
N SER A 7 -9.57 -3.57 12.54
CA SER A 7 -8.70 -4.18 13.55
C SER A 7 -7.27 -4.20 13.02
N ALA A 8 -6.39 -3.44 13.68
CA ALA A 8 -4.97 -3.46 13.33
C ALA A 8 -4.36 -4.85 13.52
N LYS A 9 -4.85 -5.59 14.52
CA LYS A 9 -4.33 -6.94 14.75
C LYS A 9 -4.58 -7.84 13.55
N LYS A 10 -5.82 -7.86 13.06
CA LYS A 10 -6.14 -8.61 11.83
C LYS A 10 -5.33 -8.06 10.65
N GLY A 11 -5.16 -6.74 10.59
CA GLY A 11 -4.43 -6.15 9.49
C GLY A 11 -2.98 -6.56 9.47
N ALA A 12 -2.36 -6.71 10.65
CA ALA A 12 -0.98 -7.20 10.73
C ALA A 12 -0.86 -8.58 10.12
N THR A 13 -1.83 -9.45 10.39
CA THR A 13 -1.81 -10.79 9.81
C THR A 13 -2.02 -10.78 8.31
N LEU A 14 -2.94 -9.94 7.83
CA LEU A 14 -3.09 -9.76 6.39
C LEU A 14 -1.82 -9.22 5.75
N PHE A 15 -1.15 -8.25 6.39
CA PHE A 15 0.09 -7.76 5.81
C PHE A 15 1.12 -8.88 5.70
N LYS A 16 1.27 -9.68 6.75
CA LYS A 16 2.31 -10.69 6.77
C LYS A 16 2.12 -11.70 5.65
N THR A 17 0.87 -12.03 5.33
CA THR A 17 0.57 -13.06 4.34
C THR A 17 0.37 -12.51 2.94
N ARG A 18 0.02 -11.23 2.78
CA ARG A 18 -0.32 -10.71 1.47
C ARG A 18 0.60 -9.62 0.96
N CYS A 19 1.39 -8.96 1.82
CA CYS A 19 2.17 -7.81 1.37
C CYS A 19 3.65 -7.94 1.70
N LEU A 20 3.97 -8.61 2.82
CA LEU A 20 5.36 -8.72 3.29
C LEU A 20 6.28 -9.31 2.23
N GLN A 21 5.76 -10.20 1.37
CA GLN A 21 6.59 -10.74 0.30
C GLN A 21 7.33 -9.65 -0.46
N CYS A 22 6.68 -8.50 -0.68
CA CYS A 22 7.24 -7.45 -1.50
C CYS A 22 7.53 -6.14 -0.77
N HIS A 23 7.07 -5.98 0.47
CA HIS A 23 7.20 -4.69 1.14
C HIS A 23 7.63 -4.84 2.59
N THR A 24 8.32 -3.81 3.07
CA THR A 24 8.53 -3.59 4.49
C THR A 24 7.80 -2.31 4.89
N VAL A 25 7.53 -2.17 6.20
CA VAL A 25 6.82 -1.00 6.72
C VAL A 25 7.68 -0.13 7.64
N GLU A 26 8.77 -0.67 8.19
CA GLU A 26 9.50 0.02 9.24
C GLU A 26 10.27 1.21 8.69
N LYS A 27 10.55 2.16 9.59
CA LYS A 27 11.42 3.28 9.24
C LYS A 27 12.74 2.79 8.65
N GLY A 28 13.35 1.78 9.27
CA GLY A 28 14.60 1.29 8.72
C GLY A 28 14.49 0.20 7.68
N GLY A 29 13.30 -0.04 7.13
CA GLY A 29 13.11 -1.18 6.26
C GLY A 29 13.54 -0.94 4.84
N PRO A 30 14.09 -1.95 4.18
CA PRO A 30 14.59 -1.77 2.81
C PRO A 30 13.48 -1.86 1.77
N HIS A 31 13.73 -1.22 0.64
CA HIS A 31 12.99 -1.56 -0.57
C HIS A 31 13.29 -3.01 -0.92
N LYS A 32 12.27 -3.71 -1.43
CA LYS A 32 12.44 -5.08 -1.93
C LYS A 32 11.88 -5.13 -3.34
N VAL A 33 11.03 -6.11 -3.66
CA VAL A 33 10.32 -6.03 -4.95
C VAL A 33 9.54 -4.73 -5.04
N GLY A 34 8.89 -4.34 -3.95
CA GLY A 34 8.20 -3.07 -3.85
C GLY A 34 8.91 -2.14 -2.88
N PRO A 35 8.55 -0.86 -2.92
CA PRO A 35 9.22 0.11 -2.05
C PRO A 35 8.82 -0.06 -0.58
N ASN A 36 9.74 0.30 0.30
CA ASN A 36 9.39 0.39 1.70
C ASN A 36 8.24 1.38 1.85
N LEU A 37 7.32 1.11 2.77
CA LEU A 37 6.10 1.90 2.89
C LEU A 37 6.08 2.86 4.07
N HIS A 38 7.20 3.02 4.77
CA HIS A 38 7.22 4.01 5.84
C HIS A 38 6.84 5.38 5.28
N GLY A 39 5.94 6.07 5.96
CA GLY A 39 5.56 7.41 5.55
C GLY A 39 4.63 7.47 4.36
N ILE A 40 4.02 6.35 3.97
CA ILE A 40 3.23 6.30 2.73
C ILE A 40 2.03 7.24 2.78
N PHE A 41 1.32 7.29 3.91
CA PHE A 41 0.11 8.12 3.97
C PHE A 41 0.49 9.59 3.98
N GLY A 42 -0.16 10.37 3.13
CA GLY A 42 0.12 11.79 3.06
C GLY A 42 1.27 12.15 2.15
N ARG A 43 1.85 11.18 1.46
CA ARG A 43 2.84 11.36 0.42
C ARG A 43 2.20 11.01 -0.92
N HIS A 44 2.67 11.65 -1.98
CA HIS A 44 2.23 11.32 -3.32
C HIS A 44 2.89 10.02 -3.77
N SER A 45 2.20 9.29 -4.64
CA SER A 45 2.75 8.07 -5.18
C SER A 45 4.06 8.37 -5.91
N GLY A 46 4.97 7.39 -5.87
CA GLY A 46 6.20 7.46 -6.64
C GLY A 46 7.31 8.29 -6.03
N GLN A 47 7.30 8.45 -4.70
CA GLN A 47 8.19 9.40 -4.04
C GLN A 47 9.23 8.78 -3.11
N ALA A 48 9.20 7.48 -2.85
CA ALA A 48 10.25 6.91 -2.02
C ALA A 48 11.58 7.03 -2.76
N GLU A 49 12.60 7.48 -2.05
CA GLU A 49 13.89 7.68 -2.69
C GLU A 49 14.58 6.35 -2.89
N GLY A 50 15.31 6.24 -3.99
CA GLY A 50 16.07 5.04 -4.24
C GLY A 50 15.26 3.86 -4.73
N TYR A 51 14.04 4.09 -5.19
CA TYR A 51 13.20 3.05 -5.78
C TYR A 51 12.81 3.47 -7.20
N SER A 52 12.86 2.52 -8.13
N SER A 52 12.86 2.52 -8.13
CA SER A 52 12.53 2.77 -9.52
CA SER A 52 12.53 2.77 -9.53
C SER A 52 11.07 2.41 -9.76
C SER A 52 11.07 2.42 -9.76
N TYR A 53 10.21 3.42 -9.84
CA TYR A 53 8.79 3.22 -10.06
C TYR A 53 8.46 3.18 -11.55
N THR A 54 7.30 2.61 -11.87
CA THR A 54 6.78 2.74 -13.23
C THR A 54 6.33 4.17 -13.51
N ASP A 55 6.30 4.51 -14.80
CA ASP A 55 5.64 5.74 -15.23
C ASP A 55 4.23 5.83 -14.67
N ALA A 56 3.49 4.71 -14.70
CA ALA A 56 2.09 4.72 -14.30
C ALA A 56 1.93 5.13 -12.85
N ASN A 57 2.79 4.63 -11.96
CA ASN A 57 2.66 4.97 -10.54
C ASN A 57 2.95 6.44 -10.31
N ILE A 58 4.03 6.97 -10.89
CA ILE A 58 4.33 8.39 -10.75
C ILE A 58 3.22 9.24 -11.35
N LYS A 59 2.72 8.84 -12.52
CA LYS A 59 1.73 9.66 -13.23
C LYS A 59 0.44 9.78 -12.46
N LYS A 60 0.04 8.71 -11.76
CA LYS A 60 -1.21 8.76 -10.99
C LYS A 60 -1.17 9.89 -9.98
N ASN A 61 0.00 10.16 -9.41
CA ASN A 61 0.22 11.27 -8.47
C ASN A 61 -0.84 11.32 -7.37
N VAL A 62 -1.22 10.15 -6.87
CA VAL A 62 -2.25 10.09 -5.83
C VAL A 62 -1.62 10.45 -4.50
N LEU A 63 -2.28 11.36 -3.77
CA LEU A 63 -1.89 11.68 -2.41
C LEU A 63 -2.52 10.62 -1.52
N TRP A 64 -1.72 9.66 -1.07
CA TRP A 64 -2.26 8.48 -0.41
C TRP A 64 -2.99 8.82 0.87
N ASP A 65 -4.23 8.35 0.98
CA ASP A 65 -5.00 8.44 2.22
C ASP A 65 -5.72 7.11 2.42
N GLU A 66 -6.47 7.00 3.53
CA GLU A 66 -7.11 5.72 3.84
C GLU A 66 -8.14 5.31 2.79
N ASN A 67 -8.78 6.29 2.12
CA ASN A 67 -9.85 5.95 1.20
C ASN A 67 -9.33 5.54 -0.18
N ASN A 68 -8.43 6.32 -0.75
CA ASN A 68 -7.87 5.92 -2.03
C ASN A 68 -6.97 4.70 -1.91
N MET A 69 -6.35 4.49 -0.74
CA MET A 69 -5.64 3.24 -0.51
C MET A 69 -6.60 2.05 -0.57
N SER A 70 -7.82 2.20 -0.05
CA SER A 70 -8.79 1.12 -0.13
C SER A 70 -9.22 0.86 -1.56
N GLU A 71 -9.47 1.92 -2.34
CA GLU A 71 -9.79 1.70 -3.74
C GLU A 71 -8.63 1.01 -4.46
N TYR A 72 -7.41 1.47 -4.22
CA TYR A 72 -6.23 0.90 -4.86
C TYR A 72 -6.10 -0.57 -4.51
N LEU A 73 -6.22 -0.92 -3.23
CA LEU A 73 -5.99 -2.28 -2.81
C LEU A 73 -7.12 -3.22 -3.21
N THR A 74 -8.29 -2.69 -3.57
CA THR A 74 -9.34 -3.54 -4.14
C THR A 74 -8.86 -4.17 -5.44
N ASN A 75 -8.19 -3.40 -6.28
CA ASN A 75 -7.70 -3.89 -7.56
C ASN A 75 -6.64 -2.92 -8.04
N PRO A 76 -5.37 -3.18 -7.76
CA PRO A 76 -4.33 -2.19 -8.06
C PRO A 76 -4.27 -1.80 -9.51
N LYS A 77 -4.40 -2.78 -10.42
CA LYS A 77 -4.24 -2.50 -11.84
C LYS A 77 -5.39 -1.68 -12.40
N LYS A 78 -6.57 -1.72 -11.79
CA LYS A 78 -7.64 -0.87 -12.29
C LYS A 78 -7.45 0.57 -11.83
N TYR A 79 -6.82 0.77 -10.68
CA TYR A 79 -6.57 2.12 -10.19
C TYR A 79 -5.35 2.73 -10.87
N ILE A 80 -4.32 1.93 -11.10
CA ILE A 80 -3.10 2.41 -11.75
C ILE A 80 -2.76 1.45 -12.89
N PRO A 81 -3.47 1.52 -14.02
CA PRO A 81 -3.17 0.59 -15.12
C PRO A 81 -1.72 0.74 -15.57
N GLY A 82 -1.04 -0.39 -15.67
CA GLY A 82 0.38 -0.38 -15.96
C GLY A 82 1.29 -0.43 -14.76
N THR A 83 0.77 -0.35 -13.54
CA THR A 83 1.63 -0.56 -12.40
C THR A 83 2.28 -1.93 -12.47
N LYS A 84 3.49 -2.01 -11.92
CA LYS A 84 4.19 -3.29 -11.85
C LYS A 84 3.94 -4.01 -10.52
N MET A 85 3.08 -3.48 -9.67
CA MET A 85 2.63 -4.22 -8.50
C MET A 85 1.67 -5.32 -8.95
N ALA A 86 2.15 -6.55 -8.91
CA ALA A 86 1.41 -7.72 -9.38
C ALA A 86 0.72 -8.32 -8.17
N PHE A 87 -0.41 -7.73 -7.80
CA PHE A 87 -1.22 -8.19 -6.69
C PHE A 87 -2.66 -8.00 -7.09
N GLY A 88 -3.45 -9.08 -7.02
CA GLY A 88 -4.80 -9.04 -7.56
C GLY A 88 -5.74 -8.17 -6.75
N GLY A 89 -5.49 -8.02 -5.46
CA GLY A 89 -6.27 -7.16 -4.61
C GLY A 89 -6.95 -7.92 -3.48
N LEU A 90 -7.48 -7.14 -2.54
CA LEU A 90 -8.29 -7.62 -1.43
C LEU A 90 -9.72 -7.22 -1.71
N LYS A 91 -10.56 -8.18 -2.09
CA LYS A 91 -11.92 -7.87 -2.53
C LYS A 91 -12.88 -7.70 -1.37
N LYS A 92 -12.54 -8.18 -0.18
CA LYS A 92 -13.42 -8.09 0.98
C LYS A 92 -13.16 -6.77 1.70
N GLU A 93 -14.20 -5.97 1.85
CA GLU A 93 -14.03 -4.63 2.43
C GLU A 93 -13.43 -4.69 3.83
N LYS A 94 -13.89 -5.64 4.66
CA LYS A 94 -13.34 -5.73 6.02
C LYS A 94 -11.84 -5.98 6.00
N ASP A 95 -11.36 -6.78 5.05
CA ASP A 95 -9.93 -7.03 4.93
C ASP A 95 -9.18 -5.73 4.65
N ARG A 96 -9.69 -4.93 3.71
CA ARG A 96 -9.05 -3.65 3.41
C ARG A 96 -9.08 -2.74 4.63
N ASN A 97 -10.21 -2.67 5.33
CA ASN A 97 -10.29 -1.85 6.53
C ASN A 97 -9.27 -2.30 7.57
N ASP A 98 -9.19 -3.60 7.82
CA ASP A 98 -8.23 -4.09 8.81
C ASP A 98 -6.80 -3.80 8.38
N LEU A 99 -6.48 -4.13 7.13
CA LEU A 99 -5.12 -3.90 6.63
C LEU A 99 -4.74 -2.42 6.71
N ILE A 100 -5.65 -1.52 6.32
CA ILE A 100 -5.32 -0.10 6.32
C ILE A 100 -5.22 0.45 7.74
N THR A 101 -6.03 -0.05 8.67
CA THR A 101 -5.88 0.34 10.06
C THR A 101 -4.48 0.00 10.57
N TYR A 102 -4.00 -1.19 10.23
CA TYR A 102 -2.63 -1.58 10.58
C TYR A 102 -1.63 -0.69 9.88
N LEU A 103 -1.80 -0.48 8.57
CA LEU A 103 -0.80 0.25 7.80
C LEU A 103 -0.65 1.68 8.29
N LYS A 104 -1.75 2.33 8.68
CA LYS A 104 -1.68 3.71 9.18
C LYS A 104 -0.75 3.81 10.40
N LYS A 105 -0.75 2.78 11.25
CA LYS A 105 0.09 2.79 12.44
C LYS A 105 1.49 2.30 12.13
N ALA A 106 1.58 1.21 11.35
CA ALA A 106 2.86 0.52 11.18
C ALA A 106 3.83 1.28 10.30
N THR A 107 3.35 2.20 9.47
CA THR A 107 4.21 2.98 8.60
C THR A 107 4.57 4.33 9.20
N GLU A 108 4.25 4.55 10.48
CA GLU A 108 4.69 5.72 11.22
C GLU A 108 5.86 5.35 12.13
#